data_8R0Q
#
_entry.id   8R0Q
#
_cell.length_a   97.221
_cell.length_b   97.221
_cell.length_c   80.836
_cell.angle_alpha   90.000
_cell.angle_beta   90.000
_cell.angle_gamma   120.000
#
_symmetry.space_group_name_H-M   'P 65'
#
loop_
_entity.id
_entity.type
_entity.pdbx_description
1 polymer 'Serine/threonine-protein kinase pim-1'
2 polymer Pimtide
3 non-polymer 1,2-ETHANEDIOL
4 non-polymer 6-bromo-1H-benzo[d]imidazol-2-amine
5 non-polymer 'CHLORIDE ION'
6 water water
#
loop_
_entity_poly.entity_id
_entity_poly.type
_entity_poly.pdbx_seq_one_letter_code
_entity_poly.pdbx_strand_id
1 'polypeptide(L)'
;SMLLSKINSLAHLRAAPCNDLHATKLAPGKEKEPLESQYQVGPLLGSGGFGSVYSGIRVSDNLPVAIKHVEKDRISDWGE
LPNGTRVPMEVVLLKKVSSGFSGVIRLLDWFERPDSFVLILERPEPVQDLFDFITERGALQEELARSFFWQVLEAVRHCH
NCGVLHRDIKDENILIDLNRGELKLIDFGSGALLKDTVYTDFDGTRVYSPPEWIRYHRYHGRSAAVWSLGILLYDMVCGD
IPFEHDEEIIGGQVFFRQRVS(SEP)ECQHLIRWCLALRPSDRPTFEEIQNHPWMQDVLLPQETAEIHLHSLSPGPS
;
A
2 'polypeptide(L)' ARKRRRHPSGPPTA B
#
# COMPACT_ATOMS: atom_id res chain seq x y z
N PRO A 34 26.88 1.76 -15.93
CA PRO A 34 27.22 0.63 -15.05
C PRO A 34 26.07 0.28 -14.10
N LEU A 35 25.75 -1.00 -14.00
CA LEU A 35 24.68 -1.46 -13.11
C LEU A 35 25.13 -2.55 -12.15
N GLU A 36 25.86 -3.55 -12.64
CA GLU A 36 26.36 -4.61 -11.78
C GLU A 36 27.55 -4.19 -10.94
N SER A 37 28.13 -3.01 -11.19
CA SER A 37 29.26 -2.52 -10.43
C SER A 37 28.88 -1.53 -9.34
N GLN A 38 27.70 -0.90 -9.44
CA GLN A 38 27.27 0.05 -8.41
C GLN A 38 26.64 -0.63 -7.20
N TYR A 39 26.11 -1.84 -7.36
CA TYR A 39 25.35 -2.49 -6.30
C TYR A 39 25.81 -3.93 -6.14
N GLN A 40 25.92 -4.37 -4.88
CA GLN A 40 26.15 -5.77 -4.57
C GLN A 40 24.80 -6.43 -4.31
N VAL A 41 24.50 -7.49 -5.06
CA VAL A 41 23.18 -8.13 -5.02
C VAL A 41 23.18 -9.20 -3.95
N GLY A 42 22.12 -9.23 -3.14
CA GLY A 42 21.93 -10.23 -2.12
C GLY A 42 20.76 -11.14 -2.43
N PRO A 43 20.11 -11.67 -1.40
CA PRO A 43 19.07 -12.68 -1.62
C PRO A 43 17.80 -12.08 -2.21
N LEU A 44 17.04 -12.96 -2.86
CA LEU A 44 15.70 -12.61 -3.31
C LEU A 44 14.80 -12.35 -2.12
N LEU A 45 14.14 -11.20 -2.12
CA LEU A 45 13.17 -10.87 -1.08
C LEU A 45 11.76 -11.36 -1.42
N GLY A 46 11.44 -11.44 -2.71
CA GLY A 46 10.14 -11.93 -3.13
C GLY A 46 9.94 -11.69 -4.61
N SER A 47 8.91 -12.34 -5.13
CA SER A 47 8.52 -12.15 -6.53
C SER A 47 7.01 -12.30 -6.64
N GLY A 48 6.46 -11.68 -7.69
CA GLY A 48 5.03 -11.74 -7.90
C GLY A 48 4.65 -10.84 -9.05
N GLY A 49 3.43 -10.31 -8.98
CA GLY A 49 2.96 -9.40 -10.02
C GLY A 49 3.86 -8.20 -10.20
N PHE A 50 4.56 -7.80 -9.14
CA PHE A 50 5.44 -6.63 -9.15
C PHE A 50 6.79 -6.91 -9.80
N GLY A 51 7.10 -8.16 -10.14
CA GLY A 51 8.42 -8.51 -10.64
C GLY A 51 9.18 -9.37 -9.66
N SER A 52 10.52 -9.26 -9.66
CA SER A 52 11.37 -9.94 -8.69
C SER A 52 12.21 -8.90 -7.96
N VAL A 53 12.27 -9.00 -6.63
CA VAL A 53 12.92 -7.98 -5.82
C VAL A 53 14.01 -8.64 -4.98
N TYR A 54 15.23 -8.09 -5.07
CA TYR A 54 16.39 -8.59 -4.36
C TYR A 54 16.86 -7.57 -3.33
N SER A 55 17.44 -8.09 -2.24
CA SER A 55 18.17 -7.25 -1.32
C SER A 55 19.52 -6.86 -1.94
N GLY A 56 19.96 -5.64 -1.67
CA GLY A 56 21.21 -5.17 -2.22
C GLY A 56 21.86 -4.11 -1.36
N ILE A 57 23.07 -3.76 -1.73
CA ILE A 57 23.84 -2.72 -1.05
C ILE A 57 24.51 -1.86 -2.10
N ARG A 58 24.40 -0.55 -1.96
CA ARG A 58 25.10 0.35 -2.88
C ARG A 58 26.58 0.38 -2.51
N VAL A 59 27.43 0.01 -3.47
CA VAL A 59 28.84 -0.24 -3.17
C VAL A 59 29.52 1.02 -2.65
N SER A 60 29.12 2.19 -3.15
CA SER A 60 29.85 3.42 -2.84
C SER A 60 29.78 3.75 -1.34
N ASP A 61 28.60 3.63 -0.75
CA ASP A 61 28.41 4.06 0.64
C ASP A 61 27.72 3.01 1.50
N ASN A 62 27.69 1.75 1.05
CA ASN A 62 27.08 0.64 1.79
C ASN A 62 25.61 0.85 2.09
N LEU A 63 24.92 1.70 1.33
CA LEU A 63 23.51 1.97 1.60
C LEU A 63 22.66 0.74 1.27
N PRO A 64 21.79 0.31 2.19
CA PRO A 64 20.90 -0.83 1.88
C PRO A 64 19.85 -0.42 0.85
N VAL A 65 19.67 -1.26 -0.16
CA VAL A 65 18.71 -0.97 -1.23
C VAL A 65 17.94 -2.25 -1.56
N ALA A 66 16.85 -2.07 -2.30
CA ALA A 66 16.13 -3.17 -2.91
C ALA A 66 16.21 -3.02 -4.42
N ILE A 67 16.48 -4.13 -5.11
CA ILE A 67 16.70 -4.13 -6.55
C ILE A 67 15.53 -4.85 -7.20
N LYS A 68 14.69 -4.12 -7.92
CA LYS A 68 13.42 -4.64 -8.43
C LYS A 68 13.52 -4.77 -9.94
N HIS A 69 13.27 -5.97 -10.45
CA HIS A 69 13.35 -6.25 -11.88
C HIS A 69 11.94 -6.46 -12.41
N VAL A 70 11.61 -5.76 -13.48
CA VAL A 70 10.30 -5.87 -14.12
C VAL A 70 10.51 -6.18 -15.60
N GLU A 71 9.91 -7.28 -16.07
CA GLU A 71 10.04 -7.65 -17.48
C GLU A 71 9.24 -6.70 -18.37
N LYS A 72 9.85 -6.31 -19.49
CA LYS A 72 9.21 -5.34 -20.38
C LYS A 72 7.89 -5.87 -20.93
N ASP A 73 7.82 -7.18 -21.23
CA ASP A 73 6.60 -7.75 -21.79
C ASP A 73 5.42 -7.69 -20.83
N ARG A 74 5.66 -7.39 -19.56
CA ARG A 74 4.59 -7.30 -18.58
C ARG A 74 4.23 -5.86 -18.22
N ILE A 75 4.86 -4.88 -18.87
CA ILE A 75 4.60 -3.48 -18.57
C ILE A 75 3.52 -3.00 -19.55
N SER A 76 2.33 -2.69 -19.00
CA SER A 76 1.21 -2.29 -19.84
C SER A 76 1.22 -0.79 -20.13
N ASP A 77 1.47 0.04 -19.12
CA ASP A 77 1.40 1.49 -19.25
C ASP A 77 2.80 2.09 -19.24
N TRP A 78 3.02 3.07 -20.12
CA TRP A 78 4.29 3.75 -20.23
C TRP A 78 4.08 5.25 -20.13
N GLY A 79 5.18 5.97 -19.87
CA GLY A 79 5.13 7.42 -19.79
C GLY A 79 6.45 8.06 -20.19
N GLU A 80 6.57 9.37 -20.02
CA GLU A 80 7.80 10.08 -20.37
C GLU A 80 8.31 10.92 -19.21
N VAL A 87 9.51 5.30 -20.52
CA VAL A 87 9.75 4.57 -19.28
C VAL A 87 8.44 4.00 -18.77
N PRO A 88 8.51 2.92 -17.98
CA PRO A 88 7.28 2.37 -17.41
C PRO A 88 6.58 3.40 -16.54
N MET A 89 5.25 3.31 -16.52
CA MET A 89 4.47 4.20 -15.66
C MET A 89 4.91 4.11 -14.20
N GLU A 90 5.33 2.93 -13.75
CA GLU A 90 5.77 2.78 -12.37
C GLU A 90 6.90 3.76 -12.06
N VAL A 91 7.82 3.96 -13.01
CA VAL A 91 8.92 4.90 -12.79
C VAL A 91 8.41 6.34 -12.78
N VAL A 92 7.47 6.66 -13.69
CA VAL A 92 6.87 7.99 -13.71
C VAL A 92 6.23 8.31 -12.36
N LEU A 93 5.47 7.36 -11.82
CA LEU A 93 4.75 7.61 -10.58
C LEU A 93 5.71 7.71 -9.40
N LEU A 94 6.70 6.82 -9.33
CA LEU A 94 7.68 6.90 -8.25
C LEU A 94 8.44 8.22 -8.27
N LYS A 95 8.79 8.71 -9.47
CA LYS A 95 9.49 10.00 -9.54
C LYS A 95 8.58 11.13 -9.09
N LYS A 96 7.28 11.04 -9.40
CA LYS A 96 6.36 12.10 -9.01
C LYS A 96 6.21 12.20 -7.49
N VAL A 97 6.30 11.07 -6.77
CA VAL A 97 6.12 11.08 -5.33
C VAL A 97 7.44 11.15 -4.58
N SER A 98 8.58 11.15 -5.26
CA SER A 98 9.86 11.16 -4.55
C SER A 98 10.08 12.51 -3.87
N SER A 99 10.53 12.44 -2.62
CA SER A 99 10.88 13.61 -1.82
C SER A 99 11.43 13.14 -0.47
N GLY A 100 11.69 14.08 0.44
CA GLY A 100 12.14 13.70 1.77
C GLY A 100 11.10 13.00 2.59
N PHE A 101 9.83 13.13 2.21
CA PHE A 101 8.73 12.53 2.97
C PHE A 101 8.87 11.02 2.98
N SER A 102 8.73 10.43 4.16
CA SER A 102 9.08 9.04 4.42
C SER A 102 7.94 8.06 4.21
N GLY A 103 6.74 8.52 3.84
CA GLY A 103 5.63 7.60 3.71
C GLY A 103 5.57 6.82 2.42
N VAL A 104 6.33 7.20 1.40
CA VAL A 104 6.38 6.44 0.17
C VAL A 104 7.82 5.97 -0.06
N ILE A 105 7.94 4.79 -0.64
CA ILE A 105 9.26 4.25 -0.96
C ILE A 105 9.99 5.20 -1.90
N ARG A 106 11.29 5.33 -1.70
CA ARG A 106 12.10 6.26 -2.47
C ARG A 106 12.79 5.53 -3.61
N LEU A 107 12.53 5.95 -4.84
CA LEU A 107 13.27 5.46 -5.99
C LEU A 107 14.61 6.19 -6.08
N LEU A 108 15.69 5.44 -5.97
CA LEU A 108 17.04 6.02 -5.97
C LEU A 108 17.61 6.12 -7.38
N ASP A 109 17.31 5.16 -8.24
CA ASP A 109 17.89 5.12 -9.58
C ASP A 109 17.11 4.07 -10.35
N TRP A 110 17.32 4.05 -11.67
CA TRP A 110 16.72 3.00 -12.49
C TRP A 110 17.54 2.83 -13.76
N PHE A 111 17.43 1.63 -14.33
CA PHE A 111 18.22 1.21 -15.48
C PHE A 111 17.30 0.50 -16.47
N GLU A 112 17.57 0.68 -17.76
CA GLU A 112 16.89 -0.10 -18.79
C GLU A 112 17.84 -1.20 -19.28
N ARG A 113 17.32 -2.41 -19.39
CA ARG A 113 18.01 -3.56 -19.93
C ARG A 113 17.29 -4.00 -21.20
N PRO A 114 17.87 -4.90 -22.00
CA PRO A 114 17.18 -5.31 -23.24
C PRO A 114 15.75 -5.78 -23.03
N ASP A 115 15.49 -6.56 -21.98
CA ASP A 115 14.19 -7.20 -21.79
C ASP A 115 13.50 -6.78 -20.51
N SER A 116 14.04 -5.80 -19.79
CA SER A 116 13.54 -5.50 -18.45
C SER A 116 13.95 -4.10 -18.06
N PHE A 117 13.28 -3.59 -17.01
CA PHE A 117 13.73 -2.42 -16.29
C PHE A 117 14.14 -2.82 -14.88
N VAL A 118 15.14 -2.14 -14.34
CA VAL A 118 15.62 -2.40 -13.00
C VAL A 118 15.47 -1.13 -12.19
N LEU A 119 14.77 -1.23 -11.06
CA LEU A 119 14.51 -0.10 -10.17
C LEU A 119 15.29 -0.29 -8.88
N ILE A 120 16.00 0.75 -8.45
CA ILE A 120 16.73 0.72 -7.19
C ILE A 120 15.94 1.51 -6.17
N LEU A 121 15.48 0.83 -5.11
CA LEU A 121 14.65 1.45 -4.10
C LEU A 121 15.39 1.47 -2.77
N GLU A 122 15.07 2.48 -1.95
CA GLU A 122 15.54 2.46 -0.57
C GLU A 122 15.08 1.18 0.11
N ARG A 123 15.88 0.72 1.07
CA ARG A 123 15.51 -0.47 1.85
C ARG A 123 15.68 -0.11 3.32
N PRO A 124 14.59 -0.03 4.08
CA PRO A 124 14.71 0.11 5.53
C PRO A 124 15.24 -1.19 6.12
N GLU A 125 15.99 -1.06 7.21
CA GLU A 125 16.56 -2.22 7.88
C GLU A 125 16.66 -1.97 9.38
N PRO A 126 16.01 -2.78 10.21
CA PRO A 126 15.19 -3.95 9.85
C PRO A 126 13.81 -3.56 9.31
N VAL A 127 13.18 -4.45 8.56
CA VAL A 127 11.92 -4.16 7.89
C VAL A 127 11.06 -5.42 7.89
N GLN A 128 9.74 -5.22 7.84
CA GLN A 128 8.79 -6.31 7.66
C GLN A 128 7.58 -5.74 6.95
N ASP A 129 7.02 -6.47 6.00
CA ASP A 129 5.81 -5.93 5.40
C ASP A 129 4.63 -6.14 6.34
N LEU A 130 3.58 -5.35 6.12
CA LEU A 130 2.46 -5.35 7.06
C LEU A 130 1.66 -6.64 6.98
N PHE A 131 1.64 -7.32 5.82
CA PHE A 131 0.96 -8.60 5.75
C PHE A 131 1.59 -9.59 6.72
N ASP A 132 2.91 -9.75 6.64
CA ASP A 132 3.61 -10.68 7.54
C ASP A 132 3.48 -10.24 8.99
N PHE A 133 3.51 -8.93 9.24
CA PHE A 133 3.36 -8.42 10.60
C PHE A 133 2.01 -8.84 11.20
N ILE A 134 0.93 -8.65 10.43
CA ILE A 134 -0.41 -9.02 10.92
C ILE A 134 -0.55 -10.53 11.04
N THR A 135 0.05 -11.29 10.13
CA THR A 135 0.01 -12.75 10.29
C THR A 135 0.65 -13.17 11.61
N GLU A 136 1.79 -12.57 11.96
CA GLU A 136 2.50 -12.99 13.16
C GLU A 136 1.88 -12.45 14.43
N ARG A 137 1.40 -11.21 14.42
CA ARG A 137 0.81 -10.59 15.59
C ARG A 137 -0.66 -10.92 15.78
N GLY A 138 -1.37 -11.26 14.71
CA GLY A 138 -2.82 -11.32 14.77
C GLY A 138 -3.43 -9.93 14.72
N ALA A 139 -4.69 -9.85 15.13
CA ALA A 139 -5.38 -8.56 15.16
C ALA A 139 -4.60 -7.56 16.01
N LEU A 140 -4.43 -6.35 15.49
CA LEU A 140 -3.61 -5.33 16.14
C LEU A 140 -4.41 -4.56 17.18
N GLN A 141 -3.76 -4.23 18.30
CA GLN A 141 -4.36 -3.29 19.24
C GLN A 141 -4.75 -2.01 18.53
N GLU A 142 -5.87 -1.41 18.94
CA GLU A 142 -6.38 -0.28 18.17
C GLU A 142 -5.42 0.90 18.21
N GLU A 143 -4.66 1.08 19.30
CA GLU A 143 -3.67 2.17 19.32
C GLU A 143 -2.64 1.98 18.22
N LEU A 144 -2.22 0.74 17.98
CA LEU A 144 -1.26 0.47 16.92
C LEU A 144 -1.90 0.59 15.54
N ALA A 145 -3.11 0.05 15.38
CA ALA A 145 -3.81 0.21 14.12
C ALA A 145 -4.03 1.68 13.79
N ARG A 146 -4.36 2.49 14.81
CA ARG A 146 -4.56 3.92 14.59
C ARG A 146 -3.29 4.57 14.05
N SER A 147 -2.15 4.26 14.65
CA SER A 147 -0.89 4.83 14.21
C SER A 147 -0.57 4.42 12.79
N PHE A 148 -0.65 3.12 12.51
CA PHE A 148 -0.38 2.62 11.17
C PHE A 148 -1.35 3.22 10.15
N PHE A 149 -2.65 3.22 10.47
CA PHE A 149 -3.65 3.71 9.52
C PHE A 149 -3.43 5.19 9.24
N TRP A 150 -3.15 5.97 10.28
CA TRP A 150 -2.86 7.39 10.10
C TRP A 150 -1.70 7.60 9.13
N GLN A 151 -0.61 6.85 9.32
CA GLN A 151 0.54 7.02 8.44
C GLN A 151 0.20 6.62 7.00
N VAL A 152 -0.61 5.58 6.83
CA VAL A 152 -1.02 5.21 5.48
C VAL A 152 -1.85 6.34 4.87
N LEU A 153 -2.76 6.92 5.65
CA LEU A 153 -3.55 8.04 5.14
C LEU A 153 -2.66 9.20 4.71
N GLU A 154 -1.65 9.54 5.53
CA GLU A 154 -0.74 10.62 5.14
C GLU A 154 0.00 10.30 3.86
N ALA A 155 0.42 9.03 3.70
CA ALA A 155 1.14 8.60 2.50
C ALA A 155 0.24 8.66 1.28
N VAL A 156 -1.01 8.23 1.40
CA VAL A 156 -1.90 8.24 0.25
C VAL A 156 -2.26 9.68 -0.12
N ARG A 157 -2.49 10.54 0.88
CA ARG A 157 -2.67 11.96 0.60
C ARG A 157 -1.50 12.52 -0.16
N HIS A 158 -0.28 12.16 0.25
CA HIS A 158 0.91 12.62 -0.46
C HIS A 158 0.89 12.17 -1.92
N CYS A 159 0.55 10.90 -2.17
CA CYS A 159 0.45 10.43 -3.55
C CYS A 159 -0.55 11.28 -4.33
N HIS A 160 -1.76 11.45 -3.79
CA HIS A 160 -2.78 12.21 -4.51
C HIS A 160 -2.33 13.66 -4.73
N ASN A 161 -1.66 14.25 -3.73
CA ASN A 161 -1.14 15.62 -3.88
C ASN A 161 -0.16 15.71 -5.05
N CYS A 162 0.61 14.65 -5.27
CA CYS A 162 1.60 14.56 -6.33
C CYS A 162 1.00 14.05 -7.64
N GLY A 163 -0.31 13.88 -7.71
CA GLY A 163 -0.97 13.47 -8.95
C GLY A 163 -0.91 11.99 -9.23
N VAL A 164 -0.76 11.16 -8.21
CA VAL A 164 -0.52 9.73 -8.35
C VAL A 164 -1.63 8.97 -7.64
N LEU A 165 -2.25 8.02 -8.33
CA LEU A 165 -3.21 7.08 -7.74
C LEU A 165 -2.55 5.71 -7.65
N HIS A 166 -2.48 5.15 -6.45
CA HIS A 166 -1.70 3.93 -6.25
C HIS A 166 -2.42 2.69 -6.81
N ARG A 167 -3.72 2.57 -6.53
CA ARG A 167 -4.63 1.53 -7.02
C ARG A 167 -4.32 0.13 -6.48
N ASP A 168 -3.43 -0.02 -5.50
CA ASP A 168 -3.19 -1.35 -4.93
C ASP A 168 -2.81 -1.24 -3.47
N ILE A 169 -3.51 -0.38 -2.72
CA ILE A 169 -3.28 -0.28 -1.28
C ILE A 169 -3.71 -1.58 -0.61
N LYS A 170 -2.78 -2.23 0.07
CA LYS A 170 -3.06 -3.46 0.81
C LYS A 170 -1.88 -3.69 1.75
N ASP A 171 -2.08 -4.59 2.73
CA ASP A 171 -1.03 -4.79 3.72
C ASP A 171 0.24 -5.34 3.08
N GLU A 172 0.10 -6.12 2.00
CA GLU A 172 1.27 -6.64 1.29
C GLU A 172 2.15 -5.55 0.70
N ASN A 173 1.57 -4.38 0.43
CA ASN A 173 2.27 -3.28 -0.24
C ASN A 173 2.61 -2.16 0.73
N ILE A 174 2.79 -2.50 2.01
CA ILE A 174 3.18 -1.53 3.03
C ILE A 174 4.33 -2.15 3.80
N LEU A 175 5.45 -1.42 3.89
CA LEU A 175 6.62 -1.87 4.66
C LEU A 175 6.67 -1.12 5.98
N ILE A 176 7.08 -1.83 7.04
CA ILE A 176 7.28 -1.21 8.35
C ILE A 176 8.77 -1.09 8.61
N ASP A 177 9.26 0.14 8.72
CA ASP A 177 10.58 0.44 9.26
C ASP A 177 10.48 0.25 10.77
N LEU A 178 10.97 -0.89 11.26
CA LEU A 178 10.67 -1.29 12.63
C LEU A 178 11.39 -0.42 13.67
N ASN A 179 12.56 0.13 13.33
CA ASN A 179 13.27 0.95 14.30
C ASN A 179 12.67 2.34 14.42
N ARG A 180 12.19 2.90 13.31
CA ARG A 180 11.64 4.25 13.31
C ARG A 180 10.13 4.29 13.46
N GLY A 181 9.47 3.14 13.37
CA GLY A 181 8.02 3.12 13.47
C GLY A 181 7.33 3.81 12.31
N GLU A 182 7.94 3.80 11.13
CA GLU A 182 7.42 4.49 9.96
C GLU A 182 7.00 3.49 8.89
N LEU A 183 5.84 3.72 8.31
CA LEU A 183 5.32 2.88 7.23
C LEU A 183 5.60 3.53 5.88
N LYS A 184 5.81 2.68 4.87
CA LYS A 184 6.14 3.10 3.50
C LYS A 184 5.28 2.33 2.51
N LEU A 185 4.60 3.05 1.61
CA LEU A 185 3.90 2.40 0.50
C LEU A 185 4.89 1.93 -0.56
N ILE A 186 4.70 0.71 -1.05
CA ILE A 186 5.52 0.17 -2.14
C ILE A 186 4.63 -0.30 -3.28
N ASP A 187 5.24 -0.75 -4.38
CA ASP A 187 4.58 -1.45 -5.49
C ASP A 187 3.55 -0.57 -6.20
N PHE A 188 4.08 0.46 -6.85
CA PHE A 188 3.28 1.38 -7.63
C PHE A 188 2.97 0.87 -9.04
N GLY A 189 3.26 -0.41 -9.32
CA GLY A 189 3.12 -0.92 -10.67
C GLY A 189 1.71 -1.06 -11.18
N SER A 190 0.71 -0.95 -10.30
CA SER A 190 -0.69 -0.92 -10.72
C SER A 190 -1.25 0.48 -10.78
N GLY A 191 -0.44 1.50 -10.51
CA GLY A 191 -0.95 2.84 -10.32
C GLY A 191 -1.27 3.55 -11.62
N ALA A 192 -1.75 4.78 -11.47
CA ALA A 192 -2.08 5.61 -12.62
C ALA A 192 -1.89 7.07 -12.24
N LEU A 193 -1.79 7.92 -13.26
CA LEU A 193 -1.97 9.33 -12.99
C LEU A 193 -3.36 9.56 -12.41
N LEU A 194 -3.42 10.38 -11.36
CA LEU A 194 -4.71 10.71 -10.77
C LEU A 194 -5.51 11.58 -11.74
N LYS A 195 -6.77 11.21 -11.95
CA LYS A 195 -7.68 12.02 -12.76
C LYS A 195 -9.03 12.06 -12.06
N ASP A 196 -9.89 12.95 -12.54
CA ASP A 196 -11.22 13.16 -11.96
C ASP A 196 -12.32 12.45 -12.75
N THR A 197 -12.00 11.92 -13.93
CA THR A 197 -12.94 11.17 -14.75
C THR A 197 -12.87 9.69 -14.38
N VAL A 198 -13.74 8.86 -14.99
CA VAL A 198 -13.90 7.48 -14.55
C VAL A 198 -12.74 6.63 -15.04
N TYR A 199 -12.33 5.68 -14.20
CA TYR A 199 -11.41 4.61 -14.58
C TYR A 199 -12.20 3.38 -14.98
N THR A 200 -11.78 2.75 -16.09
CA THR A 200 -12.42 1.53 -16.58
C THR A 200 -11.44 0.38 -16.74
N ASP A 201 -10.18 0.57 -16.32
CA ASP A 201 -9.17 -0.47 -16.27
C ASP A 201 -8.72 -0.64 -14.83
N PHE A 202 -8.34 -1.87 -14.47
CA PHE A 202 -7.88 -2.13 -13.11
C PHE A 202 -7.08 -3.42 -13.08
N ASP A 203 -5.90 -3.36 -12.43
CA ASP A 203 -5.03 -4.52 -12.30
C ASP A 203 -4.47 -4.64 -10.89
N GLY A 204 -5.08 -3.99 -9.90
CA GLY A 204 -4.70 -4.18 -8.53
C GLY A 204 -5.30 -5.46 -7.96
N THR A 205 -5.47 -5.48 -6.64
CA THR A 205 -5.89 -6.69 -5.94
C THR A 205 -7.42 -6.72 -5.82
N ARG A 206 -8.05 -7.77 -6.35
CA ARG A 206 -9.50 -7.77 -6.44
C ARG A 206 -10.19 -7.73 -5.07
N VAL A 207 -9.65 -8.42 -4.07
CA VAL A 207 -10.32 -8.41 -2.76
C VAL A 207 -10.22 -7.08 -2.04
N TYR A 208 -9.42 -6.13 -2.56
CA TYR A 208 -9.41 -4.76 -2.06
C TYR A 208 -10.13 -3.81 -2.99
N SER A 209 -10.67 -4.32 -4.10
CA SER A 209 -11.32 -3.47 -5.10
C SER A 209 -12.78 -3.21 -4.73
N PRO A 210 -13.35 -2.10 -5.18
CA PRO A 210 -14.66 -1.67 -4.66
C PRO A 210 -15.80 -2.30 -5.42
N PRO A 211 -17.01 -2.29 -4.85
CA PRO A 211 -18.13 -2.98 -5.50
C PRO A 211 -18.52 -2.39 -6.84
N GLU A 212 -18.30 -1.10 -7.07
CA GLU A 212 -18.59 -0.53 -8.39
C GLU A 212 -17.64 -1.07 -9.45
N TRP A 213 -16.41 -1.45 -9.06
CA TRP A 213 -15.52 -2.14 -10.01
C TRP A 213 -16.04 -3.54 -10.29
N ILE A 214 -16.41 -4.27 -9.23
CA ILE A 214 -16.92 -5.63 -9.41
C ILE A 214 -18.16 -5.61 -10.31
N ARG A 215 -19.09 -4.69 -10.04
CA ARG A 215 -20.38 -4.72 -10.72
C ARG A 215 -20.31 -4.12 -12.12
N TYR A 216 -19.60 -2.99 -12.25
CA TYR A 216 -19.72 -2.16 -13.44
C TYR A 216 -18.41 -1.93 -14.19
N HIS A 217 -17.27 -2.38 -13.66
CA HIS A 217 -15.96 -2.08 -14.25
C HIS A 217 -15.75 -0.57 -14.39
N ARG A 218 -16.20 0.17 -13.38
CA ARG A 218 -16.12 1.63 -13.35
C ARG A 218 -15.84 2.07 -11.93
N TYR A 219 -14.86 2.94 -11.73
CA TYR A 219 -14.64 3.54 -10.42
C TYR A 219 -13.97 4.89 -10.60
N HIS A 220 -14.06 5.71 -9.57
CA HIS A 220 -13.31 6.96 -9.50
C HIS A 220 -12.21 6.81 -8.47
N GLY A 221 -11.14 7.59 -8.64
CA GLY A 221 -9.88 7.24 -7.96
C GLY A 221 -9.98 7.36 -6.45
N ARG A 222 -10.43 8.52 -5.95
CA ARG A 222 -10.39 8.77 -4.52
C ARG A 222 -11.33 7.84 -3.76
N SER A 223 -12.58 7.68 -4.25
CA SER A 223 -13.52 6.85 -3.51
C SER A 223 -13.14 5.37 -3.58
N ALA A 224 -12.49 4.93 -4.67
CA ALA A 224 -11.99 3.56 -4.69
C ALA A 224 -10.82 3.40 -3.71
N ALA A 225 -9.97 4.42 -3.59
CA ALA A 225 -8.90 4.35 -2.61
C ALA A 225 -9.45 4.24 -1.20
N VAL A 226 -10.51 4.99 -0.89
CA VAL A 226 -11.11 4.96 0.44
C VAL A 226 -11.68 3.57 0.73
N TRP A 227 -12.34 2.95 -0.25
CA TRP A 227 -12.78 1.57 -0.07
C TRP A 227 -11.61 0.66 0.33
N SER A 228 -10.49 0.74 -0.40
CA SER A 228 -9.39 -0.16 -0.08
C SER A 228 -8.82 0.13 1.30
N LEU A 229 -8.89 1.40 1.73
CA LEU A 229 -8.45 1.76 3.08
C LEU A 229 -9.39 1.18 4.13
N GLY A 230 -10.68 1.09 3.85
CA GLY A 230 -11.58 0.40 4.76
C GLY A 230 -11.25 -1.08 4.90
N ILE A 231 -10.92 -1.73 3.77
CA ILE A 231 -10.51 -3.14 3.82
C ILE A 231 -9.24 -3.26 4.65
N LEU A 232 -8.28 -2.37 4.43
CA LEU A 232 -7.04 -2.39 5.18
C LEU A 232 -7.27 -2.19 6.68
N LEU A 233 -8.14 -1.25 7.05
CA LEU A 233 -8.35 -1.01 8.47
C LEU A 233 -9.02 -2.21 9.13
N TYR A 234 -10.03 -2.80 8.47
CA TYR A 234 -10.61 -4.04 8.99
C TYR A 234 -9.53 -5.10 9.15
N ASP A 235 -8.68 -5.26 8.14
CA ASP A 235 -7.58 -6.21 8.20
C ASP A 235 -6.71 -6.00 9.44
N MET A 236 -6.40 -4.73 9.76
CA MET A 236 -5.53 -4.48 10.90
C MET A 236 -6.22 -4.82 12.22
N VAL A 237 -7.49 -4.46 12.39
CA VAL A 237 -8.12 -4.65 13.71
C VAL A 237 -8.78 -6.01 13.86
N CYS A 238 -8.98 -6.76 12.77
CA CYS A 238 -9.56 -8.10 12.87
C CYS A 238 -8.59 -9.22 12.54
N GLY A 239 -7.42 -8.90 11.97
CA GLY A 239 -6.43 -9.91 11.67
C GLY A 239 -6.51 -10.50 10.27
N ASP A 240 -7.56 -10.19 9.51
CA ASP A 240 -7.63 -10.57 8.11
C ASP A 240 -8.68 -9.71 7.45
N ILE A 241 -8.68 -9.73 6.12
CA ILE A 241 -9.59 -8.91 5.34
C ILE A 241 -11.03 -9.42 5.50
N PRO A 242 -12.05 -8.57 5.29
CA PRO A 242 -13.43 -9.00 5.54
C PRO A 242 -14.03 -9.86 4.44
N PHE A 243 -13.61 -9.64 3.19
CA PHE A 243 -14.26 -10.21 2.02
C PHE A 243 -13.25 -11.03 1.23
N GLU A 244 -13.66 -12.23 0.84
CA GLU A 244 -12.88 -13.03 -0.11
C GLU A 244 -13.55 -13.21 -1.46
N HIS A 245 -14.87 -13.05 -1.53
CA HIS A 245 -15.63 -13.39 -2.71
C HIS A 245 -16.38 -12.17 -3.24
N ASP A 246 -16.56 -12.13 -4.56
CA ASP A 246 -17.28 -11.02 -5.19
C ASP A 246 -18.63 -10.76 -4.52
N GLU A 247 -19.35 -11.83 -4.18
CA GLU A 247 -20.67 -11.67 -3.57
C GLU A 247 -20.59 -10.97 -2.23
N GLU A 248 -19.51 -11.19 -1.47
CA GLU A 248 -19.31 -10.47 -0.21
C GLU A 248 -18.97 -9.01 -0.46
N ILE A 249 -18.15 -8.74 -1.48
CA ILE A 249 -17.77 -7.35 -1.76
C ILE A 249 -18.98 -6.50 -2.08
N ILE A 250 -19.89 -7.02 -2.91
CA ILE A 250 -21.05 -6.22 -3.31
C ILE A 250 -22.20 -6.34 -2.32
N GLY A 251 -22.11 -7.22 -1.33
CA GLY A 251 -23.26 -7.51 -0.48
C GLY A 251 -23.60 -6.41 0.51
N GLY A 252 -22.60 -5.68 0.98
CA GLY A 252 -22.86 -4.55 1.84
C GLY A 252 -22.97 -4.87 3.31
N GLN A 253 -22.40 -5.98 3.76
CA GLN A 253 -22.49 -6.39 5.15
C GLN A 253 -21.10 -6.62 5.72
N VAL A 254 -20.80 -5.93 6.81
CA VAL A 254 -19.51 -6.06 7.48
C VAL A 254 -19.77 -6.74 8.81
N PHE A 255 -19.24 -7.95 8.97
CA PHE A 255 -19.30 -8.68 10.23
C PHE A 255 -17.96 -8.60 10.91
N PHE A 256 -17.95 -8.23 12.20
CA PHE A 256 -16.70 -8.08 12.93
C PHE A 256 -16.40 -9.36 13.69
N ARG A 257 -15.26 -9.98 13.36
CA ARG A 257 -14.88 -11.29 13.89
C ARG A 257 -13.98 -11.17 15.11
N GLN A 258 -13.65 -9.94 15.51
CA GLN A 258 -12.89 -9.66 16.71
C GLN A 258 -13.60 -8.54 17.45
N ARG A 259 -13.29 -8.39 18.74
CA ARG A 259 -13.81 -7.24 19.46
C ARG A 259 -13.17 -5.97 18.92
N VAL A 260 -14.00 -5.07 18.41
CA VAL A 260 -13.57 -3.80 17.82
C VAL A 260 -14.47 -2.70 18.37
N SER A 261 -13.86 -1.57 18.75
CA SER A 261 -14.61 -0.47 19.34
C SER A 261 -15.68 0.06 18.40
N GLU A 263 -16.48 3.09 17.71
CA GLU A 263 -15.95 4.17 16.88
C GLU A 263 -15.18 3.62 15.67
N CYS A 264 -14.34 2.61 15.92
CA CYS A 264 -13.59 2.03 14.82
C CYS A 264 -14.51 1.33 13.83
N GLN A 265 -15.48 0.56 14.35
CA GLN A 265 -16.46 -0.06 13.47
C GLN A 265 -17.16 0.97 12.60
N HIS A 266 -17.53 2.11 13.18
CA HIS A 266 -18.22 3.15 12.42
C HIS A 266 -17.37 3.64 11.26
N LEU A 267 -16.10 3.88 11.53
CA LEU A 267 -15.21 4.38 10.49
C LEU A 267 -15.04 3.34 9.39
N ILE A 268 -14.89 2.07 9.76
CA ILE A 268 -14.74 1.02 8.76
C ILE A 268 -15.98 0.93 7.88
N ARG A 269 -17.16 0.91 8.52
CA ARG A 269 -18.38 0.76 7.74
C ARG A 269 -18.61 1.97 6.84
N TRP A 270 -18.14 3.14 7.25
CA TRP A 270 -18.27 4.34 6.42
C TRP A 270 -17.36 4.26 5.20
N CYS A 271 -16.10 3.83 5.39
CA CYS A 271 -15.21 3.63 4.26
C CYS A 271 -15.73 2.56 3.31
N LEU A 272 -16.43 1.55 3.83
CA LEU A 272 -17.00 0.47 3.03
C LEU A 272 -18.44 0.73 2.61
N ALA A 273 -18.86 1.99 2.54
CA ALA A 273 -20.18 2.30 2.01
C ALA A 273 -20.29 1.78 0.57
N LEU A 274 -21.41 1.11 0.26
CA LEU A 274 -21.59 0.57 -1.08
C LEU A 274 -21.59 1.67 -2.14
N ARG A 275 -22.27 2.78 -1.87
CA ARG A 275 -22.31 3.89 -2.81
C ARG A 275 -21.05 4.74 -2.67
N PRO A 276 -20.28 4.94 -3.75
CA PRO A 276 -19.00 5.67 -3.60
C PRO A 276 -19.16 7.06 -3.00
N SER A 277 -20.20 7.79 -3.38
CA SER A 277 -20.39 9.14 -2.84
C SER A 277 -20.77 9.15 -1.36
N ASP A 278 -21.11 8.00 -0.78
CA ASP A 278 -21.40 7.88 0.65
C ASP A 278 -20.15 7.63 1.50
N ARG A 279 -18.97 7.45 0.88
CA ARG A 279 -17.74 7.19 1.59
C ARG A 279 -17.13 8.51 2.08
N PRO A 280 -16.34 8.47 3.15
CA PRO A 280 -15.72 9.71 3.63
C PRO A 280 -14.61 10.19 2.72
N THR A 281 -14.38 11.49 2.74
CA THR A 281 -13.16 12.05 2.18
C THR A 281 -12.00 11.73 3.12
N PHE A 282 -10.77 11.92 2.63
CA PHE A 282 -9.60 11.74 3.49
C PHE A 282 -9.65 12.68 4.68
N GLU A 283 -10.13 13.92 4.47
CA GLU A 283 -10.29 14.85 5.58
C GLU A 283 -11.26 14.29 6.62
N GLU A 284 -12.39 13.75 6.15
CA GLU A 284 -13.37 13.18 7.08
C GLU A 284 -12.82 11.96 7.81
N ILE A 285 -11.99 11.15 7.13
CA ILE A 285 -11.36 10.03 7.83
C ILE A 285 -10.45 10.54 8.93
N GLN A 286 -9.57 11.49 8.61
CA GLN A 286 -8.62 11.94 9.63
C GLN A 286 -9.26 12.79 10.71
N ASN A 287 -10.45 13.34 10.48
CA ASN A 287 -11.18 14.03 11.55
C ASN A 287 -12.12 13.12 12.32
N HIS A 288 -12.18 11.84 11.98
CA HIS A 288 -13.08 10.91 12.65
C HIS A 288 -12.66 10.76 14.11
N PRO A 289 -13.62 10.62 15.03
CA PRO A 289 -13.23 10.48 16.45
C PRO A 289 -12.27 9.33 16.73
N TRP A 290 -12.39 8.21 15.99
CA TRP A 290 -11.47 7.11 16.23
C TRP A 290 -10.02 7.48 15.92
N MET A 291 -9.79 8.49 15.07
CA MET A 291 -8.44 8.79 14.63
C MET A 291 -7.72 9.80 15.52
N GLN A 292 -8.34 10.26 16.59
N GLN A 292 -8.37 10.24 16.60
CA GLN A 292 -7.71 11.35 17.33
CA GLN A 292 -7.81 11.23 17.51
C GLN A 292 -6.68 10.81 18.32
C GLN A 292 -6.56 10.73 18.21
N ASP A 293 -5.71 11.67 18.62
CA ASP A 293 -4.59 11.40 19.55
C ASP A 293 -3.67 10.29 19.06
N VAL A 294 -3.32 10.32 17.77
CA VAL A 294 -2.43 9.33 17.21
C VAL A 294 -1.05 9.40 17.86
N LEU A 295 -0.41 8.24 18.01
CA LEU A 295 0.98 8.18 18.43
C LEU A 295 1.90 8.72 17.35
N LEU A 296 3.02 9.31 17.78
CA LEU A 296 4.12 9.62 16.87
C LEU A 296 4.78 8.32 16.41
N PRO A 297 5.44 8.34 15.25
CA PRO A 297 6.15 7.12 14.81
C PRO A 297 7.14 6.57 15.84
N GLN A 298 7.96 7.43 16.45
CA GLN A 298 8.92 6.90 17.41
C GLN A 298 8.24 6.34 18.66
N GLU A 299 7.12 6.95 19.08
CA GLU A 299 6.34 6.38 20.17
C GLU A 299 5.81 5.00 19.78
N THR A 300 5.34 4.87 18.55
CA THR A 300 4.85 3.60 18.05
C THR A 300 5.93 2.53 18.09
N ALA A 301 7.14 2.87 17.65
CA ALA A 301 8.23 1.90 17.67
C ALA A 301 8.55 1.46 19.08
N GLU A 302 8.65 2.42 20.01
CA GLU A 302 9.07 2.08 21.37
C GLU A 302 8.02 1.26 22.10
N ILE A 303 6.73 1.54 21.86
CA ILE A 303 5.67 0.85 22.60
C ILE A 303 5.36 -0.51 21.98
N HIS A 304 5.33 -0.59 20.66
CA HIS A 304 4.77 -1.74 19.95
C HIS A 304 5.76 -2.54 19.11
N LEU A 305 6.91 -1.97 18.76
CA LEU A 305 7.82 -2.62 17.82
C LEU A 305 9.17 -3.00 18.41
N HIS A 306 9.62 -2.35 19.47
CA HIS A 306 10.92 -2.69 20.06
C HIS A 306 10.75 -3.74 21.14
N ARG B 2 -9.01 -20.25 10.75
CA ARG B 2 -9.39 -19.71 9.45
C ARG B 2 -8.14 -19.35 8.63
N LYS B 3 -8.14 -19.66 7.34
CA LYS B 3 -6.96 -19.49 6.50
C LYS B 3 -6.82 -18.04 6.05
N ARG B 4 -5.63 -17.49 6.25
CA ARG B 4 -5.27 -16.15 5.80
C ARG B 4 -4.26 -16.29 4.67
N ARG B 5 -4.46 -15.54 3.59
CA ARG B 5 -3.60 -15.70 2.42
C ARG B 5 -3.32 -14.36 1.75
N ARG B 6 -2.21 -14.34 1.01
CA ARG B 6 -1.94 -13.22 0.12
C ARG B 6 -2.82 -13.34 -1.12
N HIS B 7 -2.92 -12.24 -1.86
CA HIS B 7 -3.71 -12.24 -3.09
C HIS B 7 -2.90 -11.53 -4.18
N PRO B 8 -2.89 -12.09 -5.39
CA PRO B 8 -2.07 -11.50 -6.45
C PRO B 8 -2.64 -10.19 -6.97
N SER B 9 -1.74 -9.40 -7.55
CA SER B 9 -2.09 -8.21 -8.31
C SER B 9 -1.19 -8.15 -9.53
N GLY B 10 -1.41 -7.16 -10.39
CA GLY B 10 -0.57 -6.96 -11.55
C GLY B 10 -0.95 -7.82 -12.74
#